data_6N2H
#
_entry.id   6N2H
#
_cell.length_a   133.740
_cell.length_b   52.280
_cell.length_c   86.700
_cell.angle_alpha   90.000
_cell.angle_beta   127.600
_cell.angle_gamma   90.000
#
_symmetry.space_group_name_H-M   'C 1 2 1'
#
loop_
_entity.id
_entity.type
_entity.pdbx_description
1 polymer 'D-ornithine/D-lysine decarboxylase'
2 non-polymer 'DIMETHYL SULFOXIDE'
3 non-polymer '1,4-DIETHYLENE DIOXIDE'
4 water water
#
_entity_poly.entity_id   1
_entity_poly.type   'polypeptide(L)'
_entity_poly.pdbx_seq_one_letter_code
;MTDSIMQNYNQLREQVINGDRRFQHKDGHLCFEGVDLDALARQYPTPFYVFSEPEIIRNIHEIQQAFAAHKNTKTFFAS
(LLP)TCSVMGVLKAIRDAGICAEANSQYEVRKCLEIGFRGDQIVFNGVVKKPADLEYAIANDLYLINVDSLYELEHIDA
ISRKLKKVANVCVRVEPNVPSATHAELVTAFHAKSGLDLEQAEETCRRILAMPYVHLRGLHMHVGDQVPESEPFAKATKV
LVDESRRLEEVLGIKFDLINVGGGIPVPYKYDDENGDPLKDNMYAGITAQDFADAVIREVHKWRTDVEICIEPGRKVTGS
AAVLLTEVSCEKRKTNYDLNGNVECHVEWKFVDAGYSVLSDSQHFDWFFYVYNASRMTAAHDAWIKLAGPLCDGGDYFHM
GVKGEEFLLPKETHVGDIVAFLDAGAYTIESQTVYNNRPRTGVVMIDKNGDTRLIRREDSYEDMVKYDIYLAAALEHHHH
HH
;
_entity_poly.pdbx_strand_id   A
#
loop_
_chem_comp.id
_chem_comp.type
_chem_comp.name
_chem_comp.formula
DIO non-polymer '1,4-DIETHYLENE DIOXIDE' 'C4 H8 O2'
DMS non-polymer 'DIMETHYL SULFOXIDE' 'C2 H6 O S'
#
# COMPACT_ATOMS: atom_id res chain seq x y z
N MET A 1 30.81 -12.09 -0.02
N MET A 1 30.74 -11.97 0.96
CA MET A 1 31.96 -11.15 -0.07
CA MET A 1 31.77 -11.18 0.22
C MET A 1 31.43 -9.72 -0.16
C MET A 1 31.30 -9.75 0.01
N THR A 2 32.05 -8.80 0.58
CA THR A 2 31.69 -7.39 0.46
C THR A 2 31.88 -6.89 -0.97
N ASP A 3 32.85 -7.46 -1.69
CA ASP A 3 33.07 -7.08 -3.09
C ASP A 3 31.85 -7.41 -3.93
N SER A 4 31.37 -8.66 -3.84
CA SER A 4 30.25 -9.09 -4.66
C SER A 4 28.99 -8.30 -4.32
N ILE A 5 28.80 -7.92 -3.06
CA ILE A 5 27.62 -7.12 -2.73
C ILE A 5 27.71 -5.75 -3.40
N MET A 6 28.88 -5.11 -3.36
CA MET A 6 29.03 -3.80 -4.00
C MET A 6 28.82 -3.91 -5.51
N GLN A 7 29.46 -4.89 -6.15
CA GLN A 7 29.26 -5.08 -7.58
C GLN A 7 27.78 -5.29 -7.91
N ASN A 8 27.12 -6.18 -7.17
CA ASN A 8 25.71 -6.47 -7.41
C ASN A 8 24.85 -5.22 -7.26
N TYR A 9 25.13 -4.40 -6.25
CA TYR A 9 24.31 -3.21 -6.05
C TYR A 9 24.48 -2.22 -7.20
N ASN A 10 25.67 -2.14 -7.76
CA ASN A 10 25.88 -1.20 -8.86
C ASN A 10 25.36 -1.74 -10.17
N GLN A 11 25.31 -3.07 -10.35
CA GLN A 11 24.56 -3.62 -11.47
C GLN A 11 23.09 -3.25 -11.36
N LEU A 12 22.52 -3.33 -10.15
CA LEU A 12 21.13 -2.92 -9.96
C LEU A 12 20.95 -1.43 -10.25
N ARG A 13 21.92 -0.60 -9.82
CA ARG A 13 21.87 0.82 -10.14
C ARG A 13 21.86 1.04 -11.64
N GLU A 14 22.72 0.34 -12.38
CA GLU A 14 22.74 0.52 -13.83
CA GLU A 14 22.74 0.50 -13.84
C GLU A 14 21.42 0.10 -14.46
N GLN A 15 20.76 -0.92 -13.88
CA GLN A 15 19.47 -1.38 -14.41
C GLN A 15 18.37 -0.35 -14.18
N VAL A 16 18.42 0.39 -13.07
CA VAL A 16 17.44 1.43 -12.81
C VAL A 16 17.44 2.44 -13.96
N ILE A 17 18.63 2.87 -14.40
CA ILE A 17 18.69 3.95 -15.39
C ILE A 17 18.77 3.46 -16.82
N ASN A 18 18.86 2.14 -17.06
CA ASN A 18 18.96 1.60 -18.42
C ASN A 18 17.96 0.51 -18.75
N GLY A 19 17.19 0.00 -17.80
CA GLY A 19 16.24 -1.05 -18.11
C GLY A 19 15.00 -1.08 -17.25
N ASP A 20 14.56 0.08 -16.79
CA ASP A 20 13.41 0.21 -15.91
C ASP A 20 12.38 1.12 -16.58
N ARG A 21 11.14 0.63 -16.68
CA ARG A 21 10.11 1.38 -17.39
C ARG A 21 9.84 2.74 -16.75
N ARG A 22 10.24 2.93 -15.49
CA ARG A 22 9.92 4.16 -14.78
C ARG A 22 10.99 5.24 -14.90
N PHE A 23 12.24 4.87 -15.16
CA PHE A 23 13.35 5.78 -14.91
C PHE A 23 14.28 5.93 -16.10
N GLN A 24 14.99 7.05 -16.11
CA GLN A 24 16.02 7.37 -17.10
C GLN A 24 17.14 8.13 -16.38
N HIS A 25 18.16 8.54 -17.14
CA HIS A 25 19.16 9.45 -16.60
C HIS A 25 19.41 10.58 -17.59
N LYS A 26 19.70 11.75 -17.04
CA LYS A 26 20.01 12.93 -17.84
C LYS A 26 20.97 13.79 -17.03
N ASP A 27 22.08 14.18 -17.66
CA ASP A 27 23.06 15.04 -17.00
C ASP A 27 23.52 14.45 -15.67
N GLY A 28 23.62 13.12 -15.61
CA GLY A 28 24.03 12.44 -14.39
C GLY A 28 22.96 12.33 -13.33
N HIS A 29 21.74 12.79 -13.61
CA HIS A 29 20.68 12.81 -12.62
C HIS A 29 19.64 11.73 -12.92
N LEU A 30 19.06 11.19 -11.86
CA LEU A 30 17.97 10.26 -12.00
C LEU A 30 16.70 10.98 -12.46
N CYS A 31 16.05 10.43 -13.48
CA CYS A 31 14.79 10.96 -13.99
C CYS A 31 13.66 9.95 -13.79
N PHE A 32 12.45 10.47 -13.54
CA PHE A 32 11.22 9.72 -13.26
C PHE A 32 10.19 10.18 -14.28
N GLU A 33 9.81 9.28 -15.19
CA GLU A 33 8.86 9.62 -16.26
C GLU A 33 9.33 10.86 -17.02
N GLY A 34 10.63 10.96 -17.23
CA GLY A 34 11.19 12.09 -17.94
C GLY A 34 11.48 13.32 -17.11
N VAL A 35 11.19 13.30 -15.82
CA VAL A 35 11.36 14.44 -14.94
C VAL A 35 12.67 14.27 -14.17
N ASP A 36 13.59 15.22 -14.35
CA ASP A 36 14.86 15.26 -13.62
C ASP A 36 14.59 15.46 -12.14
N LEU A 37 14.90 14.47 -11.30
CA LEU A 37 14.54 14.56 -9.90
C LEU A 37 15.47 15.46 -9.09
N ASP A 38 16.73 15.63 -9.52
CA ASP A 38 17.55 16.65 -8.87
C ASP A 38 16.93 18.02 -9.08
N ALA A 39 16.55 18.35 -10.32
CA ALA A 39 15.97 19.65 -10.60
C ALA A 39 14.63 19.84 -9.89
N LEU A 40 13.81 18.78 -9.84
CA LEU A 40 12.53 18.88 -9.15
C LEU A 40 12.72 19.20 -7.66
N ALA A 41 13.73 18.59 -7.04
CA ALA A 41 13.98 18.85 -5.63
C ALA A 41 14.56 20.23 -5.38
N ARG A 42 14.92 20.99 -6.43
CA ARG A 42 15.28 22.39 -6.25
C ARG A 42 14.10 23.33 -6.38
N GLN A 43 12.97 22.85 -6.90
N GLN A 43 12.95 22.85 -6.86
CA GLN A 43 11.76 23.64 -7.04
CA GLN A 43 11.78 23.71 -7.00
C GLN A 43 10.89 23.59 -5.79
C GLN A 43 10.74 23.50 -5.91
N TYR A 44 10.87 22.44 -5.11
CA TYR A 44 10.04 22.17 -3.94
C TYR A 44 10.96 21.82 -2.78
N PRO A 45 10.69 22.33 -1.57
CA PRO A 45 11.58 22.01 -0.44
C PRO A 45 11.47 20.54 -0.02
N THR A 46 12.62 19.92 0.20
CA THR A 46 12.70 18.55 0.67
C THR A 46 12.45 18.51 2.19
N PRO A 47 12.02 17.34 2.71
CA PRO A 47 11.73 16.13 1.94
C PRO A 47 10.31 16.15 1.37
N PHE A 48 10.09 15.51 0.21
CA PHE A 48 8.74 15.37 -0.32
C PHE A 48 8.67 14.08 -1.12
N TYR A 49 7.44 13.56 -1.25
CA TYR A 49 7.15 12.41 -2.10
C TYR A 49 6.73 12.89 -3.48
N VAL A 50 7.11 12.14 -4.51
N VAL A 50 7.12 12.13 -4.49
CA VAL A 50 6.67 12.40 -5.88
CA VAL A 50 6.72 12.35 -5.88
C VAL A 50 6.08 11.12 -6.43
C VAL A 50 6.06 11.07 -6.38
N PHE A 51 4.81 11.18 -6.83
CA PHE A 51 4.09 10.06 -7.41
C PHE A 51 4.06 10.12 -8.93
N SER A 52 3.94 8.96 -9.56
CA SER A 52 3.80 8.85 -11.02
C SER A 52 2.44 8.29 -11.38
N GLU A 53 1.61 9.11 -12.06
CA GLU A 53 0.35 8.65 -12.63
C GLU A 53 0.61 7.59 -13.70
N PRO A 54 1.62 7.77 -14.57
CA PRO A 54 1.94 6.68 -15.51
C PRO A 54 2.13 5.33 -14.85
N GLU A 55 2.87 5.25 -13.74
CA GLU A 55 3.15 3.94 -13.13
C GLU A 55 1.90 3.38 -12.43
N ILE A 56 1.07 4.26 -11.86
CA ILE A 56 -0.21 3.81 -11.30
C ILE A 56 -1.04 3.15 -12.39
N ILE A 57 -1.09 3.77 -13.58
CA ILE A 57 -1.83 3.20 -14.70
C ILE A 57 -1.25 1.85 -15.11
N ARG A 58 0.09 1.76 -15.16
CA ARG A 58 0.72 0.49 -15.51
C ARG A 58 0.36 -0.61 -14.53
N ASN A 59 0.35 -0.29 -13.24
CA ASN A 59 0.03 -1.29 -12.20
C ASN A 59 -1.44 -1.73 -12.31
N ILE A 60 -2.35 -0.78 -12.52
CA ILE A 60 -3.76 -1.12 -12.70
C ILE A 60 -3.95 -2.00 -13.93
N HIS A 61 -3.26 -1.68 -15.04
N HIS A 61 -3.19 -1.73 -15.01
CA HIS A 61 -3.41 -2.47 -16.25
CA HIS A 61 -3.31 -2.56 -16.22
C HIS A 61 -2.89 -3.90 -16.03
C HIS A 61 -2.83 -3.98 -15.95
N GLU A 62 -1.82 -4.05 -15.25
N GLU A 62 -1.73 -4.14 -15.19
CA GLU A 62 -1.34 -5.39 -14.92
CA GLU A 62 -1.27 -5.49 -14.88
C GLU A 62 -2.41 -6.20 -14.20
C GLU A 62 -2.34 -6.26 -14.12
N ILE A 63 -3.03 -5.59 -13.18
CA ILE A 63 -4.06 -6.25 -12.41
C ILE A 63 -5.23 -6.63 -13.30
N GLN A 64 -5.74 -5.66 -14.06
CA GLN A 64 -6.90 -5.92 -14.91
C GLN A 64 -6.60 -7.00 -15.95
N GLN A 65 -5.44 -6.89 -16.60
CA GLN A 65 -5.06 -7.91 -17.58
C GLN A 65 -4.99 -9.28 -16.93
N ALA A 66 -4.53 -9.35 -15.68
CA ALA A 66 -4.45 -10.64 -15.01
C ALA A 66 -5.80 -11.34 -14.94
N PHE A 67 -6.90 -10.57 -14.84
CA PHE A 67 -8.23 -11.15 -14.69
C PHE A 67 -9.00 -11.22 -16.00
N ALA A 68 -8.31 -11.16 -17.13
CA ALA A 68 -8.98 -11.08 -18.43
C ALA A 68 -9.93 -12.25 -18.68
N ALA A 69 -9.59 -13.44 -18.17
CA ALA A 69 -10.39 -14.63 -18.46
C ALA A 69 -11.70 -14.68 -17.67
N HIS A 70 -11.88 -13.81 -16.68
CA HIS A 70 -13.16 -13.70 -15.96
C HIS A 70 -13.71 -12.31 -16.22
N LYS A 71 -14.73 -12.23 -17.08
CA LYS A 71 -15.20 -10.95 -17.55
CA LYS A 71 -15.20 -10.94 -17.54
C LYS A 71 -15.84 -10.13 -16.43
N ASN A 72 -16.57 -10.78 -15.52
N ASN A 72 -16.64 -10.77 -15.58
CA ASN A 72 -17.27 -10.07 -14.45
CA ASN A 72 -17.39 -10.05 -14.55
C ASN A 72 -16.38 -9.94 -13.22
C ASN A 72 -16.53 -9.92 -13.29
N THR A 73 -15.38 -9.07 -13.32
N THR A 73 -15.51 -9.08 -13.40
CA THR A 73 -14.44 -8.77 -12.24
CA THR A 73 -14.67 -8.72 -12.27
C THR A 73 -14.44 -7.28 -11.93
C THR A 73 -14.87 -7.25 -11.92
N LYS A 74 -14.60 -6.92 -10.66
CA LYS A 74 -14.58 -5.54 -10.21
C LYS A 74 -13.39 -5.30 -9.29
N THR A 75 -12.68 -4.20 -9.52
CA THR A 75 -11.45 -3.89 -8.81
C THR A 75 -11.66 -2.67 -7.91
N PHE A 76 -11.43 -2.84 -6.61
CA PHE A 76 -11.58 -1.78 -5.62
C PHE A 76 -10.23 -1.46 -5.01
N PHE A 77 -9.70 -0.27 -5.27
CA PHE A 77 -8.44 0.16 -4.66
C PHE A 77 -8.63 0.34 -3.16
N ALA A 78 -7.77 -0.31 -2.37
CA ALA A 78 -7.81 -0.20 -0.92
C ALA A 78 -7.22 1.14 -0.50
N SER A 79 -8.08 2.07 -0.15
N SER A 79 -8.07 2.10 -0.17
CA SER A 79 -7.69 3.47 0.03
CA SER A 79 -7.57 3.47 -0.05
C SER A 79 -6.76 3.71 1.21
C SER A 79 -6.75 3.73 1.21
N1 LLP A 80 -8.87 -5.49 1.78
C2 LLP A 80 -8.91 -5.41 3.11
C2' LLP A 80 -10.21 -5.79 3.88
C3 LLP A 80 -7.77 -4.97 3.83
O3 LLP A 80 -7.82 -4.88 5.23
C4 LLP A 80 -6.60 -4.62 3.15
C4' LLP A 80 -5.32 -4.12 3.99
C5 LLP A 80 -6.58 -4.72 1.78
C6 LLP A 80 -7.72 -5.14 1.08
C5' LLP A 80 -5.34 -4.33 0.91
OP4 LLP A 80 -4.22 -5.13 1.17
P LLP A 80 -2.94 -4.88 0.27
OP1 LLP A 80 -2.51 -3.45 0.36
OP2 LLP A 80 -3.23 -5.23 -1.13
OP3 LLP A 80 -1.87 -5.79 0.77
N LLP A 80 -6.72 2.79 2.16
CA LLP A 80 -5.85 2.97 3.34
CB LLP A 80 -6.09 1.90 4.38
CG LLP A 80 -5.89 0.52 3.78
CD LLP A 80 -5.85 -0.56 4.86
CE LLP A 80 -6.02 -1.90 4.10
NZ LLP A 80 -5.67 -3.06 4.90
C LLP A 80 -4.40 2.95 2.89
O LLP A 80 -3.55 3.36 3.66
H2'1 LLP A 80 -10.02 -6.51 4.49
H2'2 LLP A 80 -10.89 -6.08 3.25
H2'3 LLP A 80 -10.53 -5.02 4.38
H4'1 LLP A 80 -4.65 -3.79 3.38
H6 LLP A 80 -7.70 -5.19 0.16
H5'1 LLP A 80 -5.11 -3.41 1.10
H5'2 LLP A 80 -5.58 -4.42 -0.02
HA LLP A 80 -6.06 3.82 3.74
HB2 LLP A 80 -7.00 1.98 4.72
HB3 LLP A 80 -5.46 2.02 5.11
HG2 LLP A 80 -5.06 0.52 3.29
HG3 LLP A 80 -6.63 0.33 3.18
HD2 LLP A 80 -6.57 -0.44 5.50
HD3 LLP A 80 -5.00 -0.55 5.34
HE2 LLP A 80 -5.45 -1.88 3.31
HE3 LLP A 80 -6.95 -1.97 3.82
N THR A 81 -4.11 2.48 1.67
CA THR A 81 -2.76 2.44 1.11
C THR A 81 -2.24 3.86 0.82
N CYS A 82 -3.12 4.70 0.28
CA CYS A 82 -2.80 6.10 0.01
C CYS A 82 -4.06 6.84 -0.37
N SER A 83 -4.43 7.89 0.37
CA SER A 83 -5.69 8.56 0.09
C SER A 83 -5.53 10.08 -0.14
N VAL A 84 -4.34 10.55 -0.52
CA VAL A 84 -4.23 11.92 -1.01
C VAL A 84 -5.19 12.10 -2.18
N MET A 85 -5.91 13.22 -2.20
CA MET A 85 -7.02 13.35 -3.14
C MET A 85 -6.55 13.21 -4.59
N GLY A 86 -5.36 13.74 -4.90
CA GLY A 86 -4.87 13.64 -6.28
C GLY A 86 -4.52 12.22 -6.70
N VAL A 87 -4.13 11.39 -5.73
CA VAL A 87 -3.87 9.99 -6.03
C VAL A 87 -5.17 9.24 -6.23
N LEU A 88 -6.18 9.53 -5.39
CA LEU A 88 -7.50 8.92 -5.60
C LEU A 88 -8.09 9.33 -6.93
N LYS A 89 -7.91 10.60 -7.33
CA LYS A 89 -8.38 11.05 -8.63
C LYS A 89 -7.74 10.27 -9.76
N ALA A 90 -6.43 10.02 -9.66
CA ALA A 90 -5.75 9.24 -10.71
C ALA A 90 -6.33 7.84 -10.80
N ILE A 91 -6.67 7.25 -9.64
N ILE A 91 -6.64 7.23 -9.65
CA ILE A 91 -7.24 5.91 -9.61
CA ILE A 91 -7.16 5.87 -9.64
C ILE A 91 -8.61 5.90 -10.28
C ILE A 91 -8.58 5.82 -10.18
N ARG A 92 -9.45 6.86 -9.90
N ARG A 92 -9.38 6.85 -9.86
CA ARG A 92 -10.79 6.94 -10.49
CA ARG A 92 -10.72 6.96 -10.46
C ARG A 92 -10.71 7.17 -11.99
C ARG A 92 -10.63 7.11 -11.97
N ASP A 93 -9.76 8.03 -12.44
CA ASP A 93 -9.63 8.31 -13.86
C ASP A 93 -9.10 7.10 -14.64
N ALA A 94 -8.41 6.17 -13.98
CA ALA A 94 -7.96 4.94 -14.63
C ALA A 94 -9.06 3.90 -14.75
N GLY A 95 -10.21 4.12 -14.12
CA GLY A 95 -11.40 3.35 -14.39
C GLY A 95 -11.77 2.29 -13.38
N ILE A 96 -11.13 2.24 -12.22
CA ILE A 96 -11.53 1.23 -11.23
C ILE A 96 -12.28 1.89 -10.07
N CYS A 97 -12.59 1.10 -9.04
CA CYS A 97 -13.44 1.51 -7.94
C CYS A 97 -12.62 1.64 -6.65
N ALA A 98 -13.29 1.80 -5.52
CA ALA A 98 -12.64 2.19 -4.28
C ALA A 98 -13.12 1.37 -3.09
N GLU A 99 -12.19 0.95 -2.24
CA GLU A 99 -12.48 0.34 -0.96
C GLU A 99 -12.08 1.32 0.15
N ALA A 100 -12.92 1.45 1.16
CA ALA A 100 -12.78 2.46 2.20
C ALA A 100 -12.81 1.80 3.57
N ASN A 101 -12.10 2.40 4.51
CA ASN A 101 -11.80 1.77 5.79
C ASN A 101 -12.18 2.63 6.98
N SER A 102 -12.90 3.72 6.76
CA SER A 102 -13.48 4.50 7.84
C SER A 102 -14.56 5.38 7.23
N GLN A 103 -15.32 6.01 8.12
CA GLN A 103 -16.33 6.97 7.68
C GLN A 103 -15.73 8.09 6.84
N TYR A 104 -14.60 8.64 7.28
CA TYR A 104 -13.99 9.76 6.56
C TYR A 104 -13.41 9.32 5.22
N GLU A 105 -12.95 8.06 5.13
CA GLU A 105 -12.50 7.51 3.84
C GLU A 105 -13.66 7.35 2.86
N VAL A 106 -14.82 6.92 3.34
CA VAL A 106 -16.01 6.87 2.47
C VAL A 106 -16.31 8.26 1.94
N ARG A 107 -16.33 9.25 2.84
CA ARG A 107 -16.68 10.61 2.45
C ARG A 107 -15.69 11.17 1.43
N LYS A 108 -14.40 10.91 1.64
CA LYS A 108 -13.39 11.36 0.68
C LYS A 108 -13.61 10.75 -0.69
N CYS A 109 -13.88 9.44 -0.73
CA CYS A 109 -14.08 8.79 -2.01
C CYS A 109 -15.30 9.37 -2.73
N LEU A 110 -16.37 9.65 -1.98
CA LEU A 110 -17.52 10.29 -2.60
C LEU A 110 -17.15 11.68 -3.13
N GLU A 111 -16.40 12.46 -2.33
N GLU A 111 -16.39 12.46 -2.35
CA GLU A 111 -16.07 13.83 -2.71
CA GLU A 111 -16.12 13.84 -2.75
C GLU A 111 -15.24 13.85 -3.99
C GLU A 111 -15.11 13.95 -3.89
N ILE A 112 -14.31 12.91 -4.15
CA ILE A 112 -13.43 12.93 -5.32
C ILE A 112 -14.09 12.33 -6.55
N GLY A 113 -15.29 11.77 -6.42
CA GLY A 113 -16.11 11.46 -7.57
C GLY A 113 -16.50 10.01 -7.73
N PHE A 114 -16.12 9.11 -6.82
CA PHE A 114 -16.62 7.74 -6.86
C PHE A 114 -18.11 7.75 -6.50
N ARG A 115 -18.93 7.04 -7.28
CA ARG A 115 -20.33 6.89 -6.92
C ARG A 115 -20.46 5.92 -5.75
N GLY A 116 -21.58 6.02 -5.03
CA GLY A 116 -21.84 5.06 -3.97
C GLY A 116 -21.68 3.63 -4.43
N ASP A 117 -22.17 3.31 -5.63
CA ASP A 117 -22.08 1.95 -6.13
C ASP A 117 -20.70 1.61 -6.64
N GLN A 118 -19.70 2.46 -6.38
CA GLN A 118 -18.30 2.13 -6.62
C GLN A 118 -17.49 2.01 -5.34
N ILE A 119 -18.13 1.94 -4.17
CA ILE A 119 -17.43 1.99 -2.89
C ILE A 119 -17.80 0.78 -2.04
N VAL A 120 -16.79 0.15 -1.43
N VAL A 120 -16.78 0.12 -1.49
CA VAL A 120 -16.99 -0.93 -0.48
CA VAL A 120 -16.92 -0.93 -0.48
C VAL A 120 -16.38 -0.51 0.86
C VAL A 120 -16.42 -0.37 0.84
N PHE A 121 -17.19 -0.57 1.92
CA PHE A 121 -16.82 -0.12 3.26
C PHE A 121 -16.54 -1.34 4.13
N ASN A 122 -15.28 -1.47 4.58
CA ASN A 122 -14.87 -2.58 5.42
C ASN A 122 -14.47 -2.08 6.80
N GLY A 123 -14.61 -2.93 7.80
CA GLY A 123 -14.15 -2.56 9.13
C GLY A 123 -14.52 -3.52 10.23
N VAL A 124 -13.71 -3.51 11.30
CA VAL A 124 -14.04 -4.27 12.49
C VAL A 124 -14.83 -3.43 13.51
N VAL A 125 -14.73 -2.10 13.44
CA VAL A 125 -15.40 -1.21 14.38
C VAL A 125 -16.14 -0.18 13.52
N LYS A 126 -17.40 -0.46 13.21
CA LYS A 126 -18.27 0.43 12.45
C LYS A 126 -19.37 0.85 13.41
N LYS A 127 -19.23 2.04 14.01
CA LYS A 127 -20.18 2.51 14.99
C LYS A 127 -21.48 2.97 14.30
N PRO A 128 -22.56 3.13 15.07
CA PRO A 128 -23.83 3.58 14.47
C PRO A 128 -23.68 4.78 13.55
N ALA A 129 -22.89 5.78 13.93
CA ALA A 129 -22.72 6.95 13.06
C ALA A 129 -22.03 6.57 11.76
N ASP A 130 -21.06 5.65 11.83
CA ASP A 130 -20.38 5.18 10.61
C ASP A 130 -21.35 4.47 9.69
N LEU A 131 -22.18 3.59 10.26
CA LEU A 131 -23.11 2.81 9.45
C LEU A 131 -24.20 3.68 8.86
N GLU A 132 -24.69 4.66 9.62
CA GLU A 132 -25.74 5.54 9.12
C GLU A 132 -25.24 6.35 7.94
N TYR A 133 -24.00 6.84 8.01
CA TYR A 133 -23.44 7.57 6.87
C TYR A 133 -23.33 6.67 5.65
N ALA A 134 -22.87 5.42 5.86
CA ALA A 134 -22.66 4.52 4.73
C ALA A 134 -23.99 4.12 4.09
N ILE A 135 -24.98 3.76 4.90
CA ILE A 135 -26.25 3.30 4.35
C ILE A 135 -26.96 4.43 3.63
N ALA A 136 -26.85 5.65 4.16
CA ALA A 136 -27.49 6.80 3.54
C ALA A 136 -26.93 7.09 2.15
N ASN A 137 -25.72 6.62 1.84
CA ASN A 137 -25.08 6.94 0.57
C ASN A 137 -25.03 5.73 -0.37
N ASP A 138 -25.83 4.71 -0.10
CA ASP A 138 -26.11 3.62 -1.04
C ASP A 138 -24.85 2.92 -1.54
N LEU A 139 -24.00 2.51 -0.60
CA LEU A 139 -22.74 1.90 -0.98
C LEU A 139 -22.94 0.53 -1.62
N TYR A 140 -22.00 0.19 -2.51
CA TYR A 140 -22.04 -1.11 -3.17
C TYR A 140 -22.01 -2.25 -2.15
N LEU A 141 -21.13 -2.13 -1.16
CA LEU A 141 -21.00 -3.15 -0.13
C LEU A 141 -20.57 -2.52 1.19
N ILE A 142 -21.16 -3.04 2.27
CA ILE A 142 -20.71 -2.84 3.63
C ILE A 142 -20.44 -4.24 4.18
N ASN A 143 -19.24 -4.49 4.68
CA ASN A 143 -18.95 -5.86 5.08
C ASN A 143 -19.45 -6.09 6.51
N VAL A 144 -19.87 -7.33 6.77
CA VAL A 144 -20.34 -7.74 8.09
C VAL A 144 -19.21 -8.53 8.73
N ASP A 145 -18.68 -7.99 9.83
CA ASP A 145 -17.51 -8.53 10.49
C ASP A 145 -17.85 -9.29 11.76
N SER A 146 -19.04 -9.08 12.32
CA SER A 146 -19.39 -9.64 13.61
C SER A 146 -20.90 -9.66 13.76
N LEU A 147 -21.38 -10.57 14.61
CA LEU A 147 -22.81 -10.62 14.91
C LEU A 147 -23.27 -9.34 15.62
N TYR A 148 -22.41 -8.78 16.47
CA TYR A 148 -22.79 -7.56 17.19
C TYR A 148 -23.08 -6.42 16.21
N GLU A 149 -22.25 -6.26 15.20
CA GLU A 149 -22.41 -5.18 14.23
C GLU A 149 -23.67 -5.37 13.38
N LEU A 150 -24.05 -6.62 13.13
CA LEU A 150 -25.24 -6.88 12.32
C LEU A 150 -26.52 -6.35 12.97
N GLU A 151 -26.59 -6.34 14.30
CA GLU A 151 -27.76 -5.77 14.96
C GLU A 151 -27.92 -4.30 14.60
N HIS A 152 -26.82 -3.56 14.58
CA HIS A 152 -26.88 -2.14 14.24
C HIS A 152 -27.30 -1.93 12.79
N ILE A 153 -26.79 -2.77 11.88
CA ILE A 153 -27.12 -2.62 10.47
C ILE A 153 -28.62 -2.81 10.25
N ASP A 154 -29.20 -3.83 10.90
CA ASP A 154 -30.64 -4.06 10.82
C ASP A 154 -31.43 -2.86 11.34
N ALA A 155 -31.06 -2.36 12.52
CA ALA A 155 -31.80 -1.27 13.13
C ALA A 155 -31.71 0.00 12.31
N ILE A 156 -30.52 0.31 11.79
N ILE A 156 -30.54 0.29 11.76
CA ILE A 156 -30.29 1.58 11.11
CA ILE A 156 -30.29 1.57 11.11
C ILE A 156 -30.90 1.55 9.71
C ILE A 156 -30.71 1.59 9.64
N SER A 157 -30.81 0.42 9.01
CA SER A 157 -31.43 0.34 7.69
C SER A 157 -32.95 0.46 7.81
N ARG A 158 -33.55 -0.12 8.86
CA ARG A 158 -34.98 0.05 9.08
C ARG A 158 -35.31 1.52 9.34
N LYS A 159 -34.48 2.20 10.14
CA LYS A 159 -34.74 3.60 10.46
C LYS A 159 -34.67 4.48 9.22
N LEU A 160 -33.66 4.27 8.38
CA LEU A 160 -33.49 5.12 7.20
C LEU A 160 -34.40 4.72 6.06
N LYS A 161 -34.97 3.51 6.11
CA LYS A 161 -35.73 2.95 5.00
C LYS A 161 -34.88 2.96 3.72
N LYS A 162 -33.65 2.50 3.86
CA LYS A 162 -32.71 2.34 2.75
C LYS A 162 -32.05 0.99 2.86
N VAL A 163 -31.93 0.29 1.73
CA VAL A 163 -31.36 -1.05 1.72
C VAL A 163 -29.85 -0.97 1.95
N ALA A 164 -29.35 -1.75 2.90
CA ALA A 164 -27.91 -1.91 3.11
C ALA A 164 -27.44 -3.14 2.34
N ASN A 165 -26.49 -2.96 1.43
CA ASN A 165 -25.90 -4.06 0.67
C ASN A 165 -24.70 -4.59 1.45
N VAL A 166 -24.69 -5.90 1.74
CA VAL A 166 -23.65 -6.43 2.61
C VAL A 166 -23.00 -7.69 2.04
N CYS A 167 -21.74 -7.91 2.45
CA CYS A 167 -21.05 -9.17 2.30
C CYS A 167 -20.61 -9.63 3.68
N VAL A 168 -20.62 -10.95 3.90
CA VAL A 168 -20.28 -11.53 5.20
C VAL A 168 -18.83 -11.95 5.16
N ARG A 169 -18.01 -11.39 6.04
CA ARG A 169 -16.58 -11.69 6.02
C ARG A 169 -16.30 -12.91 6.87
N VAL A 170 -15.67 -13.91 6.26
CA VAL A 170 -15.33 -15.18 6.89
C VAL A 170 -13.82 -15.29 6.86
N GLU A 171 -13.20 -15.65 7.96
CA GLU A 171 -11.76 -15.84 7.88
C GLU A 171 -11.43 -17.33 7.98
N PRO A 172 -10.96 -17.95 6.89
CA PRO A 172 -10.67 -19.38 6.93
C PRO A 172 -9.45 -19.69 7.78
N ASN A 173 -9.53 -20.81 8.48
CA ASN A 173 -8.38 -21.40 9.19
C ASN A 173 -7.62 -22.24 8.18
N VAL A 174 -6.51 -21.71 7.67
CA VAL A 174 -5.68 -22.39 6.68
C VAL A 174 -4.28 -22.54 7.27
N PRO A 175 -3.95 -23.73 7.80
CA PRO A 175 -2.60 -23.96 8.34
C PRO A 175 -1.49 -23.82 7.29
N VAL A 183 -4.70 -21.30 15.55
CA VAL A 183 -3.95 -20.05 15.60
C VAL A 183 -4.82 -18.93 15.03
N THR A 184 -5.64 -19.26 14.04
CA THR A 184 -6.52 -18.26 13.45
C THR A 184 -7.39 -17.61 14.51
N ALA A 185 -7.96 -18.41 15.42
CA ALA A 185 -8.75 -17.85 16.50
C ALA A 185 -7.93 -16.85 17.32
N PHE A 186 -6.64 -17.14 17.51
CA PHE A 186 -5.79 -16.35 18.41
C PHE A 186 -5.08 -15.19 17.72
N HIS A 187 -4.94 -15.21 16.40
CA HIS A 187 -4.14 -14.20 15.71
CA HIS A 187 -4.13 -14.22 15.69
C HIS A 187 -4.93 -13.35 14.71
N ALA A 188 -6.12 -13.78 14.32
CA ALA A 188 -6.94 -13.03 13.36
C ALA A 188 -8.13 -12.39 14.08
N LYS A 189 -8.09 -11.06 14.24
CA LYS A 189 -9.21 -10.37 14.87
C LYS A 189 -10.40 -10.22 13.91
N SER A 190 -10.18 -10.34 12.61
CA SER A 190 -11.18 -9.98 11.63
C SER A 190 -12.05 -11.15 11.22
N GLY A 191 -13.31 -10.84 10.91
CA GLY A 191 -14.19 -11.81 10.30
C GLY A 191 -14.87 -12.74 11.28
N LEU A 192 -15.75 -13.56 10.72
CA LEU A 192 -16.45 -14.62 11.43
C LEU A 192 -15.76 -15.96 11.18
N ASP A 193 -15.96 -16.90 12.10
CA ASP A 193 -15.57 -18.27 11.86
C ASP A 193 -16.42 -18.86 10.74
N LEU A 194 -15.84 -19.79 9.98
CA LEU A 194 -16.61 -20.47 8.94
C LEU A 194 -17.91 -21.03 9.49
N GLU A 195 -17.84 -21.57 10.71
CA GLU A 195 -18.99 -22.22 11.33
C GLU A 195 -20.14 -21.26 11.59
N GLN A 196 -19.90 -19.95 11.57
CA GLN A 196 -20.92 -18.96 11.86
C GLN A 196 -21.53 -18.35 10.60
N ALA A 197 -21.03 -18.70 9.42
CA ALA A 197 -21.48 -18.06 8.20
C ALA A 197 -22.95 -18.35 7.92
N GLU A 198 -23.38 -19.60 8.13
CA GLU A 198 -24.74 -19.97 7.80
C GLU A 198 -25.75 -19.21 8.66
N GLU A 199 -25.54 -19.23 9.98
N GLU A 199 -25.53 -19.16 9.97
CA GLU A 199 -26.38 -18.46 10.89
CA GLU A 199 -26.48 -18.47 10.83
C GLU A 199 -26.49 -17.02 10.43
C GLU A 199 -26.49 -16.96 10.55
N THR A 200 -25.33 -16.39 10.19
CA THR A 200 -25.29 -14.97 9.84
C THR A 200 -26.12 -14.70 8.59
N CYS A 201 -25.95 -15.54 7.56
CA CYS A 201 -26.70 -15.35 6.32
C CYS A 201 -28.20 -15.56 6.55
N ARG A 202 -28.56 -16.55 7.37
CA ARG A 202 -29.97 -16.76 7.69
C ARG A 202 -30.57 -15.54 8.36
N ARG A 203 -29.83 -14.91 9.27
CA ARG A 203 -30.35 -13.72 9.94
C ARG A 203 -30.56 -12.59 8.93
N ILE A 204 -29.60 -12.40 8.03
CA ILE A 204 -29.69 -11.31 7.07
C ILE A 204 -30.89 -11.51 6.14
N LEU A 205 -31.14 -12.76 5.73
CA LEU A 205 -32.23 -13.00 4.80
C LEU A 205 -33.59 -12.63 5.36
N ALA A 206 -33.73 -12.56 6.69
CA ALA A 206 -34.99 -12.19 7.31
C ALA A 206 -35.13 -10.68 7.53
N MET A 207 -34.12 -9.89 7.17
CA MET A 207 -34.17 -8.45 7.44
C MET A 207 -34.75 -7.71 6.24
N PRO A 208 -35.71 -6.81 6.44
CA PRO A 208 -36.36 -6.18 5.27
C PRO A 208 -35.45 -5.26 4.48
N TYR A 209 -34.54 -4.54 5.13
CA TYR A 209 -33.73 -3.52 4.46
C TYR A 209 -32.24 -3.89 4.42
N VAL A 210 -31.93 -5.18 4.42
CA VAL A 210 -30.54 -5.65 4.23
C VAL A 210 -30.53 -6.66 3.10
N HIS A 211 -29.55 -6.51 2.18
CA HIS A 211 -29.44 -7.33 0.99
C HIS A 211 -28.11 -8.07 1.02
N LEU A 212 -28.18 -9.40 1.11
CA LEU A 212 -26.99 -10.25 1.17
C LEU A 212 -26.45 -10.47 -0.23
N ARG A 213 -25.21 -10.04 -0.47
N ARG A 213 -25.20 -10.08 -0.47
CA ARG A 213 -24.61 -10.14 -1.80
CA ARG A 213 -24.63 -10.16 -1.80
C ARG A 213 -23.64 -11.30 -1.97
C ARG A 213 -23.57 -11.25 -1.97
N GLY A 214 -22.97 -11.72 -0.89
CA GLY A 214 -21.99 -12.79 -0.99
C GLY A 214 -21.08 -12.77 0.22
N LEU A 215 -20.00 -13.55 0.13
CA LEU A 215 -19.01 -13.68 1.19
C LEU A 215 -17.73 -12.92 0.84
N HIS A 216 -16.90 -12.69 1.86
CA HIS A 216 -15.72 -11.82 1.76
C HIS A 216 -14.58 -12.42 2.57
N MET A 217 -13.37 -12.34 2.04
CA MET A 217 -12.18 -12.63 2.83
C MET A 217 -11.06 -11.68 2.41
N HIS A 218 -10.03 -11.62 3.26
CA HIS A 218 -8.77 -10.96 2.92
C HIS A 218 -7.67 -11.70 3.65
N VAL A 219 -6.69 -12.21 2.88
N VAL A 219 -6.70 -12.23 2.90
CA VAL A 219 -5.71 -13.15 3.41
CA VAL A 219 -5.74 -13.16 3.52
C VAL A 219 -4.59 -12.43 4.17
C VAL A 219 -4.55 -12.46 4.15
N GLY A 220 -4.12 -11.32 3.65
CA GLY A 220 -2.98 -10.62 4.23
C GLY A 220 -2.34 -9.68 3.23
N ASP A 221 -1.13 -9.23 3.60
CA ASP A 221 -0.39 -8.21 2.85
C ASP A 221 0.98 -8.74 2.44
N GLN A 222 1.41 -8.37 1.24
CA GLN A 222 2.71 -8.78 0.70
C GLN A 222 2.88 -10.28 0.81
N VAL A 223 1.90 -11.01 0.29
CA VAL A 223 1.84 -12.47 0.42
C VAL A 223 2.85 -13.11 -0.55
N PRO A 224 3.74 -13.97 -0.09
CA PRO A 224 4.84 -14.45 -0.95
C PRO A 224 4.59 -15.80 -1.63
N GLU A 225 3.39 -16.37 -1.56
CA GLU A 225 3.11 -17.57 -2.33
C GLU A 225 1.65 -17.59 -2.73
N SER A 226 1.34 -18.46 -3.70
N SER A 226 1.33 -18.45 -3.70
CA SER A 226 0.00 -18.51 -4.28
CA SER A 226 -0.02 -18.48 -4.24
C SER A 226 -0.92 -19.48 -3.53
C SER A 226 -0.93 -19.48 -3.54
N GLU A 227 -0.38 -20.53 -2.94
CA GLU A 227 -1.23 -21.54 -2.32
C GLU A 227 -2.11 -20.97 -1.22
N PRO A 228 -1.70 -19.97 -0.43
CA PRO A 228 -2.61 -19.41 0.58
C PRO A 228 -3.85 -18.76 -0.04
N PHE A 229 -3.69 -18.03 -1.15
CA PHE A 229 -4.87 -17.49 -1.83
C PHE A 229 -5.74 -18.63 -2.34
N ALA A 230 -5.12 -19.71 -2.82
CA ALA A 230 -5.88 -20.78 -3.45
C ALA A 230 -6.65 -21.59 -2.42
N LYS A 231 -6.00 -21.97 -1.33
CA LYS A 231 -6.68 -22.75 -0.30
C LYS A 231 -7.79 -21.93 0.36
N ALA A 232 -7.51 -20.66 0.68
CA ALA A 232 -8.51 -19.82 1.31
C ALA A 232 -9.67 -19.52 0.36
N THR A 233 -9.37 -19.27 -0.91
CA THR A 233 -10.45 -19.05 -1.87
C THR A 233 -11.33 -20.29 -1.98
N LYS A 234 -10.72 -21.49 -2.01
CA LYS A 234 -11.52 -22.70 -2.07
C LYS A 234 -12.49 -22.81 -0.91
N VAL A 235 -12.04 -22.42 0.30
CA VAL A 235 -12.92 -22.49 1.46
C VAL A 235 -14.13 -21.58 1.27
N LEU A 236 -13.88 -20.35 0.84
CA LEU A 236 -14.95 -19.39 0.57
C LEU A 236 -15.87 -19.88 -0.54
N VAL A 237 -15.30 -20.50 -1.56
CA VAL A 237 -16.08 -20.98 -2.69
C VAL A 237 -16.95 -22.16 -2.26
N ASP A 238 -16.36 -23.11 -1.53
CA ASP A 238 -17.13 -24.27 -1.08
C ASP A 238 -18.29 -23.85 -0.17
N GLU A 239 -18.08 -22.87 0.70
CA GLU A 239 -19.18 -22.42 1.56
C GLU A 239 -20.20 -21.63 0.76
N SER A 240 -19.76 -20.82 -0.21
CA SER A 240 -20.73 -20.16 -1.08
C SER A 240 -21.61 -21.16 -1.80
N ARG A 241 -21.02 -22.23 -2.35
CA ARG A 241 -21.80 -23.24 -3.04
C ARG A 241 -22.83 -23.89 -2.10
N ARG A 242 -22.38 -24.26 -0.90
CA ARG A 242 -23.24 -24.97 0.03
C ARG A 242 -24.39 -24.10 0.50
N LEU A 243 -24.14 -22.81 0.71
CA LEU A 243 -25.19 -21.91 1.18
C LEU A 243 -26.22 -21.62 0.10
N GLU A 244 -25.80 -21.52 -1.17
CA GLU A 244 -26.77 -21.42 -2.25
C GLU A 244 -27.74 -22.60 -2.20
N GLU A 245 -27.22 -23.81 -1.99
CA GLU A 245 -28.07 -24.99 -1.94
C GLU A 245 -28.97 -24.97 -0.70
N VAL A 246 -28.40 -24.75 0.48
N VAL A 246 -28.38 -24.77 0.48
CA VAL A 246 -29.18 -24.92 1.70
CA VAL A 246 -29.12 -24.87 1.73
C VAL A 246 -30.10 -23.74 1.99
C VAL A 246 -30.17 -23.77 1.82
N LEU A 247 -29.81 -22.55 1.45
CA LEU A 247 -30.68 -21.41 1.63
C LEU A 247 -31.53 -21.11 0.41
N GLY A 248 -31.25 -21.73 -0.72
CA GLY A 248 -32.09 -21.57 -1.90
C GLY A 248 -31.93 -20.22 -2.58
N ILE A 249 -30.68 -19.77 -2.74
CA ILE A 249 -30.38 -18.44 -3.25
C ILE A 249 -29.24 -18.54 -4.26
N LYS A 250 -28.97 -17.42 -4.93
CA LYS A 250 -27.88 -17.27 -5.89
C LYS A 250 -27.13 -15.99 -5.55
N PHE A 251 -25.87 -16.12 -5.16
CA PHE A 251 -25.12 -14.95 -4.73
C PHE A 251 -24.78 -14.03 -5.90
N ASP A 252 -24.74 -12.72 -5.61
CA ASP A 252 -24.31 -11.74 -6.59
C ASP A 252 -22.82 -11.86 -6.87
N LEU A 253 -22.01 -12.11 -5.83
CA LEU A 253 -20.56 -11.94 -5.95
C LEU A 253 -19.85 -12.76 -4.88
N ILE A 254 -18.52 -12.76 -5.00
CA ILE A 254 -17.59 -13.26 -3.99
C ILE A 254 -16.43 -12.26 -3.97
N ASN A 255 -16.03 -11.80 -2.77
CA ASN A 255 -15.02 -10.77 -2.60
C ASN A 255 -13.78 -11.41 -1.97
N VAL A 256 -12.67 -11.47 -2.73
CA VAL A 256 -11.50 -12.21 -2.27
C VAL A 256 -10.40 -11.31 -1.71
N GLY A 257 -10.64 -10.00 -1.59
CA GLY A 257 -9.70 -9.15 -0.87
C GLY A 257 -8.46 -8.76 -1.67
N GLY A 258 -7.40 -8.43 -0.95
CA GLY A 258 -6.15 -7.96 -1.55
C GLY A 258 -4.96 -8.85 -1.23
N GLY A 259 -3.76 -8.25 -1.25
CA GLY A 259 -2.56 -8.95 -0.83
C GLY A 259 -1.52 -9.20 -1.90
N ILE A 260 -1.75 -8.75 -3.13
CA ILE A 260 -0.76 -8.95 -4.20
C ILE A 260 0.53 -8.23 -3.79
N PRO A 261 1.69 -8.89 -3.82
CA PRO A 261 2.92 -8.25 -3.35
C PRO A 261 3.58 -7.37 -4.40
N VAL A 262 4.50 -6.53 -3.93
CA VAL A 262 5.28 -5.62 -4.77
C VAL A 262 6.76 -5.95 -4.57
N PRO A 263 7.58 -5.96 -5.64
CA PRO A 263 9.03 -6.17 -5.45
C PRO A 263 9.67 -4.97 -4.76
N TYR A 264 10.26 -5.20 -3.59
CA TYR A 264 11.11 -4.18 -2.96
C TYR A 264 12.59 -4.48 -3.12
N LYS A 265 12.95 -5.74 -3.39
CA LYS A 265 14.27 -6.11 -3.88
C LYS A 265 14.06 -6.82 -5.21
N TYR A 266 14.92 -6.54 -6.19
CA TYR A 266 14.64 -6.98 -7.56
C TYR A 266 15.49 -8.16 -8.02
N ASP A 267 16.59 -8.48 -7.34
CA ASP A 267 17.50 -9.53 -7.79
C ASP A 267 17.00 -10.88 -7.27
N ASP A 268 15.88 -11.32 -7.88
CA ASP A 268 15.20 -12.53 -7.45
C ASP A 268 16.12 -13.75 -7.44
N GLU A 269 17.09 -13.79 -8.35
CA GLU A 269 18.03 -14.89 -8.39
C GLU A 269 18.80 -15.04 -7.10
N ASN A 270 18.83 -13.99 -6.27
CA ASN A 270 19.63 -13.98 -5.05
C ASN A 270 18.78 -13.99 -3.77
N GLY A 271 17.47 -14.20 -3.89
CA GLY A 271 16.59 -14.09 -2.74
C GLY A 271 15.66 -15.27 -2.59
N ASP A 272 15.08 -15.36 -1.39
CA ASP A 272 14.13 -16.41 -1.02
C ASP A 272 12.90 -15.70 -0.47
N PRO A 273 11.80 -15.60 -1.24
CA PRO A 273 10.64 -14.82 -0.77
C PRO A 273 10.05 -15.33 0.52
N LEU A 274 10.29 -16.60 0.88
CA LEU A 274 9.70 -17.16 2.09
C LEU A 274 10.50 -16.79 3.35
N LYS A 275 11.75 -16.40 3.19
CA LYS A 275 12.56 -15.92 4.30
C LYS A 275 12.65 -14.39 4.33
N ASP A 276 12.49 -13.73 3.19
CA ASP A 276 12.65 -12.27 3.07
C ASP A 276 11.54 -11.81 2.13
N ASN A 277 10.41 -11.34 2.68
CA ASN A 277 9.31 -11.04 1.79
C ASN A 277 9.42 -9.66 1.12
N MET A 278 10.58 -8.99 1.24
CA MET A 278 10.88 -7.90 0.32
C MET A 278 11.03 -8.39 -1.11
N TYR A 279 11.35 -9.68 -1.29
CA TYR A 279 11.23 -10.33 -2.59
C TYR A 279 9.77 -10.73 -2.78
N ALA A 280 9.17 -10.26 -3.87
CA ALA A 280 7.80 -10.63 -4.18
C ALA A 280 7.77 -12.09 -4.62
N GLY A 281 6.97 -12.91 -3.92
CA GLY A 281 6.94 -14.33 -4.24
C GLY A 281 6.16 -14.62 -5.50
N ILE A 282 5.15 -13.81 -5.80
CA ILE A 282 4.20 -14.07 -6.87
C ILE A 282 3.92 -12.77 -7.60
N THR A 283 3.21 -12.90 -8.72
CA THR A 283 2.78 -11.78 -9.55
C THR A 283 1.26 -11.64 -9.46
N ALA A 284 0.74 -10.54 -10.04
CA ALA A 284 -0.70 -10.39 -10.13
C ALA A 284 -1.32 -11.57 -10.89
N GLN A 285 -0.61 -12.08 -11.91
CA GLN A 285 -1.17 -13.19 -12.68
C GLN A 285 -1.29 -14.45 -11.83
N ASP A 286 -0.31 -14.70 -10.96
CA ASP A 286 -0.41 -15.84 -10.05
C ASP A 286 -1.62 -15.72 -9.13
N PHE A 287 -1.88 -14.49 -8.64
CA PHE A 287 -3.02 -14.23 -7.78
C PHE A 287 -4.33 -14.51 -8.51
N ALA A 288 -4.47 -13.98 -9.73
CA ALA A 288 -5.67 -14.22 -10.52
C ALA A 288 -5.83 -15.70 -10.86
N ASP A 289 -4.72 -16.36 -11.25
CA ASP A 289 -4.79 -17.78 -11.57
C ASP A 289 -5.35 -18.59 -10.40
N ALA A 290 -4.90 -18.30 -9.18
CA ALA A 290 -5.42 -19.01 -8.01
C ALA A 290 -6.90 -18.73 -7.82
N VAL A 291 -7.28 -17.45 -7.86
CA VAL A 291 -8.66 -17.05 -7.57
C VAL A 291 -9.61 -17.59 -8.63
N ILE A 292 -9.30 -17.37 -9.91
CA ILE A 292 -10.27 -17.71 -10.95
C ILE A 292 -10.46 -19.21 -11.06
N ARG A 293 -9.38 -19.98 -10.93
CA ARG A 293 -9.52 -21.43 -11.01
C ARG A 293 -10.42 -21.95 -9.91
N GLU A 294 -10.28 -21.43 -8.68
CA GLU A 294 -11.12 -21.96 -7.61
C GLU A 294 -12.56 -21.51 -7.76
N VAL A 295 -12.78 -20.27 -8.20
CA VAL A 295 -14.14 -19.79 -8.38
C VAL A 295 -14.85 -20.56 -9.49
N HIS A 296 -14.14 -20.85 -10.58
CA HIS A 296 -14.80 -21.50 -11.71
C HIS A 296 -15.15 -22.97 -11.44
N LYS A 297 -14.72 -23.53 -10.30
CA LYS A 297 -15.23 -24.84 -9.90
C LYS A 297 -16.67 -24.77 -9.41
N TRP A 298 -17.21 -23.56 -9.27
CA TRP A 298 -18.56 -23.31 -8.78
C TRP A 298 -19.39 -22.57 -9.82
N ARG A 299 -18.96 -21.40 -10.27
CA ARG A 299 -19.71 -20.60 -11.23
C ARG A 299 -18.74 -19.78 -12.06
N THR A 300 -19.02 -19.68 -13.36
CA THR A 300 -18.23 -18.82 -14.24
C THR A 300 -18.86 -17.45 -14.43
N ASP A 301 -20.12 -17.28 -14.04
CA ASP A 301 -20.85 -16.02 -14.24
C ASP A 301 -20.80 -15.08 -13.04
N VAL A 302 -20.51 -15.60 -11.84
CA VAL A 302 -20.57 -14.78 -10.63
C VAL A 302 -19.51 -13.68 -10.68
N GLU A 303 -19.84 -12.54 -10.07
CA GLU A 303 -18.91 -11.42 -10.03
C GLU A 303 -17.81 -11.68 -9.01
N ILE A 304 -16.56 -11.46 -9.41
CA ILE A 304 -15.42 -11.53 -8.50
C ILE A 304 -15.00 -10.10 -8.15
N CYS A 305 -14.98 -9.80 -6.86
CA CYS A 305 -14.45 -8.52 -6.37
C CYS A 305 -13.07 -8.73 -5.80
N ILE A 306 -12.15 -7.82 -6.13
CA ILE A 306 -10.80 -7.82 -5.56
C ILE A 306 -10.53 -6.44 -4.97
N GLU A 307 -9.62 -6.40 -3.98
CA GLU A 307 -9.36 -5.19 -3.20
C GLU A 307 -7.85 -4.92 -3.10
N PRO A 308 -7.16 -4.78 -4.23
CA PRO A 308 -5.71 -4.51 -4.16
C PRO A 308 -5.41 -3.13 -3.58
N GLY A 309 -4.38 -3.07 -2.75
CA GLY A 309 -3.86 -1.80 -2.27
C GLY A 309 -2.41 -1.54 -2.67
N ARG A 310 -1.48 -2.18 -1.98
CA ARG A 310 -0.05 -1.96 -2.21
C ARG A 310 0.30 -2.00 -3.69
N LYS A 311 -0.25 -2.96 -4.45
CA LYS A 311 0.19 -3.16 -5.82
C LYS A 311 -0.16 -1.97 -6.72
N VAL A 312 -1.23 -1.24 -6.40
CA VAL A 312 -1.63 -0.11 -7.24
C VAL A 312 -0.61 1.03 -7.16
N THR A 313 -0.14 1.35 -5.94
CA THR A 313 0.70 2.54 -5.78
C THR A 313 2.13 2.31 -5.31
N GLY A 314 2.48 1.10 -4.85
CA GLY A 314 3.75 0.92 -4.17
C GLY A 314 4.95 1.34 -5.01
N SER A 315 4.99 0.89 -6.26
CA SER A 315 6.11 1.14 -7.15
C SER A 315 6.08 2.54 -7.76
N ALA A 316 5.07 3.34 -7.46
CA ALA A 316 4.78 4.54 -8.23
C ALA A 316 5.15 5.84 -7.51
N ALA A 317 6.00 5.77 -6.48
CA ALA A 317 6.45 6.99 -5.83
C ALA A 317 7.92 6.85 -5.43
N VAL A 318 8.57 8.01 -5.30
N VAL A 318 8.58 8.00 -5.29
CA VAL A 318 9.93 8.14 -4.80
CA VAL A 318 9.94 8.08 -4.76
C VAL A 318 9.90 9.15 -3.65
C VAL A 318 9.98 9.17 -3.71
N LEU A 319 10.69 8.90 -2.60
CA LEU A 319 10.92 9.90 -1.56
C LEU A 319 12.22 10.63 -1.90
N LEU A 320 12.17 11.96 -2.00
CA LEU A 320 13.35 12.76 -2.24
C LEU A 320 13.72 13.53 -0.97
N THR A 321 14.99 13.47 -0.58
CA THR A 321 15.48 14.06 0.66
C THR A 321 16.92 14.51 0.46
N GLU A 322 17.24 15.69 0.97
CA GLU A 322 18.54 16.33 0.76
C GLU A 322 19.55 15.89 1.80
N VAL A 323 20.77 15.60 1.36
CA VAL A 323 21.86 15.39 2.31
C VAL A 323 22.12 16.72 3.00
N SER A 324 21.85 16.80 4.31
CA SER A 324 21.84 18.07 5.01
C SER A 324 22.98 18.26 6.01
N CYS A 325 23.74 17.22 6.29
CA CYS A 325 24.89 17.30 7.20
C CYS A 325 25.68 16.01 7.02
N GLU A 326 26.92 16.02 7.51
CA GLU A 326 27.83 14.90 7.38
C GLU A 326 28.76 14.92 8.58
N LYS A 327 29.24 13.75 8.98
CA LYS A 327 30.27 13.70 10.00
C LYS A 327 30.98 12.35 9.90
N ARG A 328 32.21 12.32 10.42
CA ARG A 328 32.99 11.10 10.57
C ARG A 328 33.15 10.84 12.05
N LYS A 329 32.83 9.62 12.48
CA LYS A 329 33.12 9.17 13.83
C LYS A 329 34.16 8.07 13.78
N THR A 330 35.01 8.03 14.79
CA THR A 330 36.15 7.13 14.81
C THR A 330 36.25 6.46 16.17
N ASN A 331 36.40 5.13 16.14
CA ASN A 331 36.65 4.35 17.34
C ASN A 331 38.14 4.02 17.42
N TYR A 332 38.74 4.29 18.58
CA TYR A 332 40.15 4.00 18.85
C TYR A 332 40.26 2.96 19.97
N ASP A 333 41.30 2.13 19.89
CA ASP A 333 41.58 1.19 20.98
C ASP A 333 42.34 1.90 22.10
N LEU A 334 42.73 1.13 23.12
CA LEU A 334 43.37 1.71 24.31
C LEU A 334 44.75 2.28 24.00
N ASN A 335 45.40 1.82 22.94
CA ASN A 335 46.71 2.32 22.52
C ASN A 335 46.60 3.48 21.55
N GLY A 336 45.39 3.88 21.18
CA GLY A 336 45.19 5.01 20.29
C GLY A 336 45.12 4.68 18.82
N ASN A 337 45.20 3.41 18.44
CA ASN A 337 45.10 3.05 17.03
C ASN A 337 43.64 2.99 16.60
N VAL A 338 43.44 3.16 15.29
CA VAL A 338 42.10 3.26 14.73
C VAL A 338 41.51 1.86 14.56
N GLU A 339 40.30 1.66 15.08
CA GLU A 339 39.57 0.42 14.86
C GLU A 339 38.71 0.49 13.60
N CYS A 340 38.01 1.60 13.42
CA CYS A 340 37.19 1.81 12.24
C CYS A 340 36.81 3.28 12.15
N HIS A 341 36.56 3.73 10.93
CA HIS A 341 35.90 5.01 10.68
C HIS A 341 34.45 4.74 10.30
N VAL A 342 33.53 5.58 10.76
CA VAL A 342 32.13 5.50 10.36
C VAL A 342 31.74 6.82 9.70
N GLU A 343 31.30 6.75 8.46
CA GLU A 343 30.88 7.93 7.70
C GLU A 343 29.37 8.06 7.80
N TRP A 344 28.91 9.08 8.52
CA TRP A 344 27.49 9.36 8.70
C TRP A 344 27.05 10.43 7.70
N LYS A 345 25.98 10.14 6.97
CA LYS A 345 25.30 11.11 6.12
C LYS A 345 23.91 11.36 6.70
N PHE A 346 23.55 12.63 6.87
CA PHE A 346 22.25 13.00 7.43
C PHE A 346 21.36 13.56 6.34
N VAL A 347 20.16 12.98 6.20
CA VAL A 347 19.15 13.50 5.27
C VAL A 347 18.06 14.18 6.08
N ASP A 348 17.25 15.00 5.41
CA ASP A 348 16.23 15.77 6.12
C ASP A 348 14.91 15.01 6.25
N ALA A 349 14.91 13.69 6.01
CA ALA A 349 13.77 12.83 6.29
C ALA A 349 14.16 11.70 7.24
N GLY A 350 13.34 11.49 8.27
CA GLY A 350 13.54 10.41 9.22
C GLY A 350 12.35 9.49 9.31
N TYR A 351 12.23 8.72 10.39
CA TYR A 351 11.15 7.73 10.45
C TYR A 351 9.78 8.38 10.68
N SER A 352 9.72 9.67 11.04
CA SER A 352 8.44 10.36 11.09
C SER A 352 7.89 10.64 9.70
N VAL A 353 8.69 10.53 8.65
N VAL A 353 8.75 10.58 8.68
CA VAL A 353 8.19 10.73 7.29
CA VAL A 353 8.38 10.77 7.28
C VAL A 353 8.32 9.49 6.43
C VAL A 353 8.19 9.43 6.57
N LEU A 354 9.08 8.47 6.85
CA LEU A 354 9.07 7.13 6.23
C LEU A 354 8.95 6.13 7.38
N SER A 355 7.72 5.88 7.81
CA SER A 355 7.46 5.18 9.07
CA SER A 355 7.50 5.19 9.08
C SER A 355 7.86 3.70 9.00
N ASP A 356 7.58 3.04 7.88
CA ASP A 356 7.79 1.60 7.82
C ASP A 356 9.26 1.19 7.78
N SER A 357 10.17 2.13 7.51
CA SER A 357 11.60 1.84 7.56
C SER A 357 12.08 1.50 8.97
N GLN A 358 11.31 1.87 9.99
CA GLN A 358 11.66 1.62 11.38
C GLN A 358 10.71 0.62 12.03
N HIS A 359 9.42 0.85 11.88
CA HIS A 359 8.40 0.11 12.60
C HIS A 359 8.10 -1.25 12.01
N PHE A 360 8.49 -1.49 10.76
CA PHE A 360 8.17 -2.75 10.09
C PHE A 360 9.37 -3.30 9.32
N ASP A 361 10.58 -2.82 9.62
CA ASP A 361 11.82 -3.32 9.03
C ASP A 361 11.70 -3.44 7.51
N TRP A 362 11.19 -2.38 6.89
CA TRP A 362 10.94 -2.40 5.45
C TRP A 362 12.14 -1.86 4.68
N PHE A 363 12.50 -2.55 3.60
CA PHE A 363 13.61 -2.14 2.74
C PHE A 363 13.10 -1.32 1.57
N PHE A 364 13.81 -0.23 1.27
CA PHE A 364 13.61 0.59 0.08
C PHE A 364 14.97 0.82 -0.57
N TYR A 365 15.07 0.70 -1.90
CA TYR A 365 16.33 1.02 -2.57
C TYR A 365 16.70 2.48 -2.33
N VAL A 366 17.98 2.73 -2.06
CA VAL A 366 18.50 4.09 -1.81
C VAL A 366 19.61 4.38 -2.82
N TYR A 367 19.51 5.51 -3.50
CA TYR A 367 20.54 5.95 -4.44
C TYR A 367 20.73 7.45 -4.33
N ASN A 368 21.90 7.91 -4.77
CA ASN A 368 22.19 9.35 -4.89
C ASN A 368 21.63 9.83 -6.23
N ALA A 369 20.49 10.50 -6.20
CA ALA A 369 19.82 10.90 -7.44
C ALA A 369 20.59 12.00 -8.17
N SER A 370 21.39 12.78 -7.44
CA SER A 370 22.22 13.82 -8.06
C SER A 370 23.45 13.24 -8.74
N ARG A 371 23.83 12.00 -8.42
CA ARG A 371 25.03 11.35 -8.95
C ARG A 371 24.69 9.92 -9.35
N MET A 372 23.62 9.75 -10.12
CA MET A 372 23.06 8.43 -10.37
C MET A 372 23.91 7.60 -11.31
N THR A 373 24.77 8.22 -12.12
CA THR A 373 25.66 7.49 -13.01
C THR A 373 27.03 7.25 -12.40
N ALA A 374 27.25 7.66 -11.16
CA ALA A 374 28.52 7.46 -10.47
C ALA A 374 28.49 6.16 -9.69
N ALA A 375 29.64 5.50 -9.61
CA ALA A 375 29.78 4.32 -8.77
C ALA A 375 29.35 4.63 -7.34
N HIS A 376 28.47 3.78 -6.80
CA HIS A 376 28.09 3.84 -5.39
C HIS A 376 29.06 2.90 -4.65
N ASP A 377 30.19 3.47 -4.23
CA ASP A 377 31.37 2.71 -3.86
C ASP A 377 31.86 2.97 -2.43
N ALA A 378 31.11 3.72 -1.63
CA ALA A 378 31.50 4.05 -0.27
C ALA A 378 30.43 3.54 0.69
N TRP A 379 30.86 2.83 1.72
CA TRP A 379 29.96 2.37 2.78
C TRP A 379 29.69 3.52 3.75
N ILE A 380 28.41 3.81 3.98
CA ILE A 380 27.99 4.91 4.83
C ILE A 380 26.82 4.48 5.70
N LYS A 381 26.61 5.21 6.79
CA LYS A 381 25.39 5.09 7.59
C LYS A 381 24.53 6.32 7.33
N LEU A 382 23.23 6.09 7.21
CA LEU A 382 22.27 7.10 6.78
C LEU A 382 21.35 7.44 7.94
N ALA A 383 21.36 8.70 8.35
CA ALA A 383 20.62 9.13 9.53
C ALA A 383 19.59 10.18 9.17
N GLY A 384 18.54 10.23 9.98
CA GLY A 384 17.51 11.23 9.87
C GLY A 384 17.76 12.43 10.76
N PRO A 385 16.83 13.38 10.72
CA PRO A 385 16.98 14.64 11.46
C PRO A 385 16.37 14.68 12.85
N LEU A 386 15.74 13.61 13.31
CA LEU A 386 15.06 13.65 14.60
C LEU A 386 16.06 13.57 15.74
N CYS A 387 15.75 14.27 16.83
N CYS A 387 15.77 14.28 16.83
CA CYS A 387 16.52 14.24 18.07
CA CYS A 387 16.61 14.25 18.03
C CYS A 387 16.18 12.96 18.83
C CYS A 387 16.28 13.00 18.83
N ASP A 388 16.71 11.86 18.27
CA ASP A 388 16.29 10.54 18.74
C ASP A 388 17.38 9.58 18.28
N GLY A 389 18.03 8.91 19.23
CA GLY A 389 19.14 8.04 18.87
C GLY A 389 18.76 6.95 17.90
N GLY A 390 17.48 6.56 17.88
CA GLY A 390 17.02 5.52 17.01
C GLY A 390 16.67 5.95 15.60
N ASP A 391 16.68 7.26 15.32
CA ASP A 391 16.29 7.75 14.00
C ASP A 391 17.50 7.70 13.06
N TYR A 392 17.84 6.47 12.65
CA TYR A 392 18.63 6.26 11.45
C TYR A 392 18.11 5.01 10.76
N PHE A 393 18.44 4.89 9.47
CA PHE A 393 17.90 3.83 8.64
C PHE A 393 18.71 2.56 8.85
N HIS A 394 18.02 1.53 9.34
CA HIS A 394 18.68 0.28 9.73
C HIS A 394 18.68 -0.77 8.62
N MET A 395 17.80 -0.64 7.62
CA MET A 395 17.63 -1.68 6.60
C MET A 395 18.50 -1.36 5.40
N GLY A 396 19.80 -1.66 5.54
CA GLY A 396 20.79 -1.25 4.58
C GLY A 396 21.02 -2.28 3.49
N VAL A 397 22.02 -1.99 2.65
CA VAL A 397 22.49 -2.90 1.62
C VAL A 397 23.21 -4.09 2.26
N LYS A 398 24.04 -3.81 3.26
CA LYS A 398 24.74 -4.83 4.04
C LYS A 398 24.56 -4.47 5.50
N GLY A 399 23.73 -5.23 6.21
CA GLY A 399 23.44 -4.83 7.59
C GLY A 399 22.83 -3.45 7.63
N GLU A 400 23.36 -2.60 8.50
CA GLU A 400 22.88 -1.22 8.63
C GLU A 400 23.65 -0.24 7.75
N GLU A 401 24.43 -0.72 6.79
CA GLU A 401 25.27 0.15 5.96
C GLU A 401 24.70 0.24 4.53
N PHE A 402 24.75 1.46 3.98
CA PHE A 402 24.30 1.78 2.63
C PHE A 402 25.51 2.08 1.75
N LEU A 403 25.27 2.16 0.44
CA LEU A 403 26.29 2.47 -0.55
C LEU A 403 25.92 3.76 -1.27
N LEU A 404 26.82 4.73 -1.23
CA LEU A 404 26.68 5.99 -1.97
C LEU A 404 28.02 6.31 -2.63
N PRO A 405 28.02 7.19 -3.63
CA PRO A 405 29.31 7.62 -4.20
C PRO A 405 30.16 8.28 -3.13
N LYS A 406 31.47 8.00 -3.17
CA LYS A 406 32.37 8.62 -2.20
C LYS A 406 32.37 10.13 -2.32
N GLU A 407 32.04 10.64 -3.50
CA GLU A 407 31.97 12.08 -3.77
C GLU A 407 30.71 12.74 -3.22
N THR A 408 29.79 11.99 -2.62
CA THR A 408 28.55 12.55 -2.13
C THR A 408 28.80 13.77 -1.26
N HIS A 409 27.99 14.82 -1.47
CA HIS A 409 28.22 16.17 -0.97
C HIS A 409 26.93 16.66 -0.31
N VAL A 410 27.07 17.47 0.74
CA VAL A 410 25.89 18.12 1.30
C VAL A 410 25.23 18.94 0.20
N GLY A 411 23.90 18.80 0.08
CA GLY A 411 23.15 19.40 -1.00
C GLY A 411 22.70 18.42 -2.07
N ASP A 412 23.31 17.24 -2.12
CA ASP A 412 22.88 16.19 -3.04
C ASP A 412 21.49 15.70 -2.65
N ILE A 413 20.76 15.18 -3.63
CA ILE A 413 19.42 14.63 -3.43
C ILE A 413 19.51 13.11 -3.40
N VAL A 414 19.02 12.51 -2.31
CA VAL A 414 18.92 11.06 -2.16
C VAL A 414 17.50 10.63 -2.45
N ALA A 415 17.34 9.51 -3.15
CA ALA A 415 16.04 8.95 -3.51
C ALA A 415 15.83 7.59 -2.85
N PHE A 416 14.65 7.40 -2.25
CA PHE A 416 14.15 6.10 -1.82
C PHE A 416 13.12 5.63 -2.86
N LEU A 417 13.34 4.47 -3.48
CA LEU A 417 12.41 3.97 -4.48
C LEU A 417 11.27 3.19 -3.83
N ASP A 418 10.24 2.91 -4.63
CA ASP A 418 9.08 2.08 -4.21
C ASP A 418 8.44 2.60 -2.93
N ALA A 419 8.22 3.92 -2.89
CA ALA A 419 7.78 4.59 -1.67
C ALA A 419 6.31 5.02 -1.72
N GLY A 420 5.49 4.31 -2.50
CA GLY A 420 4.14 4.78 -2.75
C GLY A 420 3.02 4.16 -1.95
N ALA A 421 3.31 3.16 -1.11
CA ALA A 421 2.27 2.45 -0.36
C ALA A 421 2.51 2.59 1.14
N TYR A 422 1.46 3.04 1.84
CA TYR A 422 1.45 3.15 3.31
C TYR A 422 2.51 4.12 3.82
N THR A 423 2.81 5.16 3.03
CA THR A 423 3.89 6.10 3.35
C THR A 423 3.43 7.52 3.68
N ILE A 424 2.19 7.89 3.38
CA ILE A 424 1.75 9.27 3.57
C ILE A 424 0.93 9.42 4.84
N GLU A 425 -0.16 8.65 4.96
CA GLU A 425 -1.02 8.79 6.13
C GLU A 425 -0.36 8.31 7.42
N SER A 426 0.76 7.61 7.32
CA SER A 426 1.50 7.12 8.48
C SER A 426 2.55 8.11 8.99
N GLN A 427 2.64 9.30 8.41
CA GLN A 427 3.62 10.26 8.88
C GLN A 427 3.13 10.89 10.19
N THR A 428 4.09 11.45 10.95
CA THR A 428 3.77 12.08 12.23
C THR A 428 4.39 13.47 12.30
N VAL A 429 4.06 14.23 13.35
CA VAL A 429 4.70 15.52 13.57
C VAL A 429 5.61 15.46 14.80
N TYR A 430 6.25 14.31 15.00
CA TYR A 430 7.23 14.11 16.07
C TYR A 430 8.38 15.11 15.92
N ASN A 431 8.82 15.67 17.06
CA ASN A 431 9.76 16.79 17.09
C ASN A 431 9.17 18.06 16.49
N ASN A 432 7.87 18.07 16.17
N ASN A 432 7.87 18.05 16.20
CA ASN A 432 7.25 19.16 15.45
CA ASN A 432 7.22 19.08 15.39
C ASN A 432 7.91 19.41 14.08
C ASN A 432 8.04 19.41 14.15
N ARG A 433 8.49 18.37 13.48
CA ARG A 433 8.86 18.45 12.07
C ARG A 433 7.59 18.25 11.24
N PRO A 434 7.35 19.00 10.17
CA PRO A 434 6.08 18.88 9.45
C PRO A 434 5.97 17.61 8.62
N ARG A 435 4.74 17.12 8.45
CA ARG A 435 4.46 16.11 7.45
C ARG A 435 4.67 16.70 6.06
N THR A 436 5.07 15.85 5.10
CA THR A 436 5.70 16.34 3.88
C THR A 436 4.69 16.77 2.83
N GLY A 437 5.15 17.63 1.90
CA GLY A 437 4.44 17.84 0.67
C GLY A 437 4.45 16.61 -0.21
N VAL A 438 3.54 16.60 -1.20
CA VAL A 438 3.48 15.53 -2.18
C VAL A 438 3.28 16.15 -3.55
N VAL A 439 4.06 15.67 -4.53
CA VAL A 439 4.03 16.14 -5.91
C VAL A 439 3.53 14.99 -6.78
N MET A 440 2.82 15.32 -7.85
CA MET A 440 2.35 14.34 -8.82
C MET A 440 2.92 14.63 -10.21
N ILE A 441 3.49 13.61 -10.84
CA ILE A 441 3.78 13.61 -12.27
C ILE A 441 2.54 13.04 -12.97
N ASP A 442 1.86 13.86 -13.77
CA ASP A 442 0.64 13.38 -14.40
C ASP A 442 0.98 12.56 -15.65
N LYS A 443 -0.04 11.97 -16.28
CA LYS A 443 0.20 11.06 -17.38
C LYS A 443 0.76 11.75 -18.61
N ASN A 444 0.74 13.08 -18.68
CA ASN A 444 1.37 13.81 -19.77
C ASN A 444 2.80 14.24 -19.42
N GLY A 445 3.27 13.88 -18.23
CA GLY A 445 4.65 14.17 -17.84
C GLY A 445 4.85 15.48 -17.10
N ASP A 446 3.79 16.20 -16.75
CA ASP A 446 3.89 17.49 -16.10
C ASP A 446 3.66 17.32 -14.60
N THR A 447 4.22 18.24 -13.81
CA THR A 447 4.19 18.11 -12.35
C THR A 447 3.29 19.17 -11.72
N ARG A 448 2.76 18.84 -10.55
CA ARG A 448 1.97 19.77 -9.74
C ARG A 448 1.98 19.29 -8.29
N LEU A 449 1.82 20.24 -7.36
CA LEU A 449 1.72 19.93 -5.94
C LEU A 449 0.31 19.40 -5.66
N ILE A 450 0.22 18.28 -4.95
CA ILE A 450 -1.08 17.74 -4.57
C ILE A 450 -1.30 17.67 -3.07
N ARG A 451 -0.26 17.90 -2.26
CA ARG A 451 -0.41 18.07 -0.81
C ARG A 451 0.63 19.07 -0.36
N ARG A 452 0.22 20.07 0.43
CA ARG A 452 1.19 21.01 0.98
C ARG A 452 1.95 20.37 2.14
N GLU A 453 3.15 20.88 2.39
CA GLU A 453 3.85 20.60 3.64
C GLU A 453 3.11 21.28 4.79
N ASP A 454 2.98 20.56 5.92
CA ASP A 454 2.37 21.15 7.11
C ASP A 454 3.08 22.47 7.46
N SER A 455 2.30 23.52 7.70
CA SER A 455 2.87 24.81 8.11
C SER A 455 2.92 24.91 9.65
N TYR A 456 3.61 25.93 10.14
CA TYR A 456 3.64 26.14 11.59
C TYR A 456 2.22 26.29 12.12
N GLU A 457 1.42 27.14 11.47
CA GLU A 457 0.04 27.34 11.87
C GLU A 457 -0.72 26.02 11.92
N ASP A 458 -0.56 25.17 10.91
CA ASP A 458 -1.26 23.89 10.90
C ASP A 458 -1.01 23.11 12.18
N MET A 459 0.19 23.25 12.75
CA MET A 459 0.59 22.37 13.83
C MET A 459 0.18 22.89 15.20
N VAL A 460 -0.16 24.16 15.33
CA VAL A 460 -0.72 24.66 16.58
C VAL A 460 -2.22 24.85 16.53
N LYS A 461 -2.84 24.74 15.35
CA LYS A 461 -4.23 25.13 15.21
C LYS A 461 -5.20 24.16 15.88
N TYR A 462 -4.78 22.92 16.10
CA TYR A 462 -5.64 21.96 16.80
C TYR A 462 -5.69 22.24 18.30
N ASP A 463 -4.73 23.00 18.82
CA ASP A 463 -4.60 23.27 20.24
C ASP A 463 -5.48 24.46 20.66
N ILE A 464 -5.93 24.41 21.91
CA ILE A 464 -6.80 25.43 22.50
C ILE A 464 -6.01 26.10 23.61
N TYR A 465 -5.68 27.38 23.42
CA TYR A 465 -4.82 28.08 24.37
C TYR A 465 -4.96 29.58 24.20
N LEU A 466 -4.49 30.29 25.23
CA LEU A 466 -4.56 31.76 25.27
C LEU A 466 -3.28 32.44 24.80
S DMS B . 14.71 11.70 -20.02
O DMS B . 14.50 13.13 -19.64
C1 DMS B . 16.30 11.51 -20.88
C2 DMS B . 13.56 11.25 -21.36
H11 DMS B . 16.49 10.48 -21.05
H12 DMS B . 17.07 11.93 -20.30
H13 DMS B . 16.26 12.00 -21.82
H21 DMS B . 13.81 11.78 -22.24
H22 DMS B . 13.63 10.21 -21.55
H23 DMS B . 12.57 11.49 -21.07
S DMS C . -6.36 -25.27 -3.85
O DMS C . -6.27 -25.80 -2.46
C1 DMS C . -7.31 -26.44 -4.86
C2 DMS C . -4.74 -25.39 -4.66
H11 DMS C . -7.06 -26.30 -5.89
H12 DMS C . -8.34 -26.26 -4.72
H13 DMS C . -7.08 -27.43 -4.57
H21 DMS C . -4.81 -24.99 -5.64
H22 DMS C . -4.45 -26.40 -4.71
H23 DMS C . -4.03 -24.84 -4.10
C1 DIO D . 10.84 -5.20 -10.35
C2 DIO D . 12.49 -4.68 -11.93
C1' DIO D . 10.15 -3.88 -10.67
C2' DIO D . 11.75 -3.38 -12.25
O1 DIO D . 11.65 -5.66 -11.40
O1' DIO D . 11.06 -2.92 -11.13
H11 DIO D . 10.16 -5.87 -10.17
H12 DIO D . 11.40 -5.08 -9.57
H21 DIO D . 12.89 -5.01 -12.75
H22 DIO D . 13.19 -4.48 -11.28
H1'1 DIO D . 9.71 -3.55 -9.87
H1'2 DIO D . 9.48 -4.03 -11.36
H2'1 DIO D . 12.38 -2.71 -12.54
H2'2 DIO D . 11.11 -3.55 -12.97
C1 DIO E . 19.65 -6.97 -1.42
C2 DIO E . 20.60 -4.95 -2.24
C1' DIO E . 18.96 -7.18 -2.77
C2' DIO E . 20.08 -5.39 -3.60
O1 DIO E . 20.12 -5.68 -1.15
O1' DIO E . 18.84 -6.00 -3.49
H11 DIO E . 19.02 -7.21 -0.72
H12 DIO E . 20.42 -7.58 -1.38
H21 DIO E . 21.57 -5.01 -2.24
H22 DIO E . 20.35 -4.01 -2.11
H1'1 DIO E . 19.48 -7.81 -3.29
H1'2 DIO E . 18.07 -7.55 -2.61
H2'1 DIO E . 20.02 -4.61 -4.18
H2'2 DIO E . 20.72 -6.02 -3.98
C1 DIO F . 32.57 8.68 2.01
C2 DIO F . 33.49 10.67 2.76
C1' DIO F . 33.88 7.95 2.31
C2' DIO F . 34.81 9.95 3.04
O1 DIO F . 32.39 9.81 2.81
O1' DIO F . 34.97 8.83 2.23
H11 DIO F . 31.83 8.06 2.17
H12 DIO F . 32.56 8.95 1.08
H21 DIO F . 33.37 11.37 3.43
H22 DIO F . 33.53 11.07 1.88
H1'1 DIO F . 33.85 7.58 3.20
H1'2 DIO F . 34.01 7.24 1.66
H2'1 DIO F . 35.54 10.57 2.88
H2'2 DIO F . 34.83 9.68 3.97
C1 DIO G . 13.20 6.68 21.77
C2 DIO G . 12.62 8.85 22.41
C1' DIO G . 11.83 6.63 21.11
C2' DIO G . 11.32 8.15 22.83
O1 DIO G . 13.63 7.98 21.97
O1' DIO G . 10.84 7.21 21.92
H11 DIO G . 13.84 6.21 21.21
H12 DIO G . 13.14 6.22 22.63
H21 DIO G . 12.42 9.45 21.68
H22 DIO G . 12.96 9.34 23.17
H1'1 DIO G . 11.87 7.12 20.27
H1'2 DIO G . 11.59 5.71 20.93
H2'1 DIO G . 11.48 7.70 23.67
H2'2 DIO G . 10.65 8.83 22.95
C1 DIO H . -1.08 20.39 -14.02
C2 DIO H . -0.56 22.53 -13.19
C1' DIO H . 0.40 20.13 -14.23
C2' DIO H . 0.91 22.22 -13.42
O1 DIO H . -1.33 21.36 -13.03
O1' DIO H . 1.10 21.33 -14.47
H11 DIO H . -1.50 19.56 -13.74
H12 DIO H . -1.48 20.70 -14.85
H21 DIO H . -0.66 23.07 -12.40
H22 DIO H . -0.91 23.01 -13.96
H1'1 DIO H . 0.52 19.54 -14.99
H1'2 DIO H . 0.78 19.71 -13.44
H2'1 DIO H . 1.37 23.05 -13.63
H2'2 DIO H . 1.28 21.85 -12.61
C1 DIO I . 16.38 21.46 0.32
C2 DIO I . 17.03 20.97 -1.82
C1' DIO I . 15.14 22.24 -0.12
C2' DIO I . 16.14 22.13 -2.23
O1 DIO I . 16.69 20.44 -0.58
O1' DIO I . 14.94 22.16 -1.50
H11 DIO I . 16.21 21.07 1.19
H12 DIO I . 17.13 22.07 0.39
H21 DIO I . 17.95 21.27 -1.80
H22 DIO I . 16.96 20.27 -2.50
H1'1 DIO I . 14.37 21.89 0.34
H1'2 DIO I . 15.26 23.17 0.13
H2'1 DIO I . 15.92 22.06 -3.17
H2'2 DIO I . 16.62 22.96 -2.07
#